data_2KVG
#
_entry.id   2KVG
#
_cell.length_a   1.000
_cell.length_b   1.000
_cell.length_c   1.000
_cell.angle_alpha   90.00
_cell.angle_beta   90.00
_cell.angle_gamma   90.00
#
_symmetry.space_group_name_H-M   'P 1'
#
loop_
_entity.id
_entity.type
_entity.pdbx_description
1 polymer 'Zinc finger and BTB domain-containing protein 32'
2 non-polymer 'ZINC ION'
#
_entity_poly.entity_id   1
_entity_poly.type   'polypeptide(L)'
_entity_poly.pdbx_seq_one_letter_code
;AAPYRCPLCRAGCPSLASMQAHMRGHS
;
_entity_poly.pdbx_strand_id   A
#
loop_
_chem_comp.id
_chem_comp.type
_chem_comp.name
_chem_comp.formula
ZN non-polymer 'ZINC ION' 'Zn 2'
#
# COMPACT_ATOMS: atom_id res chain seq x y z
N ALA A 1 11.58 6.22 -4.87
CA ALA A 1 11.22 5.29 -3.75
C ALA A 1 10.63 4.00 -4.34
N ALA A 2 10.09 3.16 -3.50
CA ALA A 2 9.50 1.89 -4.00
C ALA A 2 8.24 2.21 -4.82
N PRO A 3 7.87 1.31 -5.70
CA PRO A 3 6.67 1.48 -6.56
C PRO A 3 5.45 1.99 -5.76
N TYR A 4 4.97 1.22 -4.85
CA TYR A 4 3.79 1.66 -4.03
C TYR A 4 4.21 1.84 -2.58
N ARG A 5 4.84 2.94 -2.27
CA ARG A 5 5.28 3.18 -0.86
C ARG A 5 4.17 3.90 -0.10
N CYS A 6 3.32 3.17 0.56
CA CYS A 6 2.21 3.82 1.33
C CYS A 6 2.70 4.16 2.73
N PRO A 7 2.81 5.43 3.05
CA PRO A 7 3.27 5.90 4.39
C PRO A 7 2.16 5.81 5.45
N LEU A 8 0.94 6.06 5.06
CA LEU A 8 -0.17 5.98 6.04
C LEU A 8 0.08 4.84 7.03
N CYS A 9 0.67 3.78 6.57
CA CYS A 9 0.95 2.62 7.48
C CYS A 9 2.45 2.35 7.50
N ARG A 10 3.16 2.79 6.49
CA ARG A 10 4.64 2.55 6.44
C ARG A 10 4.91 1.19 5.81
N ALA A 11 4.92 1.12 4.51
CA ALA A 11 5.17 -0.18 3.83
C ALA A 11 5.20 0.03 2.32
N GLY A 12 5.95 -0.79 1.61
CA GLY A 12 6.02 -0.62 0.14
C GLY A 12 5.82 -1.98 -0.53
N CYS A 13 4.99 -2.04 -1.54
CA CYS A 13 4.76 -3.34 -2.24
C CYS A 13 4.73 -3.10 -3.75
N PRO A 14 5.37 -3.96 -4.51
CA PRO A 14 5.42 -3.84 -5.99
C PRO A 14 4.09 -4.22 -6.65
N SER A 15 3.18 -4.78 -5.89
CA SER A 15 1.87 -5.17 -6.48
C SER A 15 0.81 -4.14 -6.06
N LEU A 16 -0.03 -3.74 -6.97
CA LEU A 16 -1.09 -2.75 -6.61
C LEU A 16 -2.29 -3.46 -6.00
N ALA A 17 -2.69 -4.57 -6.57
CA ALA A 17 -3.85 -5.32 -6.01
C ALA A 17 -3.61 -5.60 -4.52
N SER A 18 -2.39 -5.82 -4.14
CA SER A 18 -2.10 -6.10 -2.70
C SER A 18 -2.32 -4.84 -1.88
N MET A 19 -1.67 -3.76 -2.24
CA MET A 19 -1.83 -2.49 -1.48
C MET A 19 -3.30 -2.05 -1.55
N GLN A 20 -3.92 -2.17 -2.70
CA GLN A 20 -5.35 -1.76 -2.82
C GLN A 20 -6.19 -2.54 -1.81
N ALA A 21 -5.91 -3.80 -1.64
CA ALA A 21 -6.70 -4.61 -0.66
C ALA A 21 -6.54 -4.00 0.74
N HIS A 22 -5.43 -3.40 1.02
CA HIS A 22 -5.22 -2.79 2.36
C HIS A 22 -5.94 -1.44 2.41
N MET A 23 -6.07 -0.81 1.28
CA MET A 23 -6.76 0.52 1.24
C MET A 23 -8.20 0.35 1.72
N ARG A 24 -8.77 -0.80 1.52
CA ARG A 24 -10.17 -1.03 1.97
C ARG A 24 -10.23 -1.00 3.49
N GLY A 25 -9.11 -1.16 4.15
CA GLY A 25 -9.11 -1.14 5.63
C GLY A 25 -8.70 0.26 6.12
N HIS A 26 -8.14 1.06 5.26
CA HIS A 26 -7.73 2.43 5.67
C HIS A 26 -8.97 3.24 6.06
N SER A 27 -9.47 3.03 7.25
CA SER A 27 -10.67 3.79 7.69
C SER A 27 -10.31 5.28 7.83
ZN ZN B . -1.62 2.23 3.78
N ALA A 1 12.00 3.51 -1.40
CA ALA A 1 12.22 3.67 -2.87
C ALA A 1 11.46 2.58 -3.62
N ALA A 2 10.29 2.23 -3.18
CA ALA A 2 9.50 1.17 -3.88
C ALA A 2 8.40 1.81 -4.71
N PRO A 3 7.97 1.15 -5.75
CA PRO A 3 6.90 1.65 -6.65
C PRO A 3 5.72 2.25 -5.87
N TYR A 4 5.11 1.48 -5.01
CA TYR A 4 3.96 2.01 -4.22
C TYR A 4 4.34 2.06 -2.74
N ARG A 5 4.74 3.21 -2.28
CA ARG A 5 5.12 3.34 -0.84
C ARG A 5 4.09 4.21 -0.11
N CYS A 6 3.08 3.58 0.44
CA CYS A 6 2.03 4.38 1.15
C CYS A 6 2.48 4.63 2.60
N PRO A 7 2.71 5.87 2.95
CA PRO A 7 3.15 6.24 4.32
C PRO A 7 2.00 6.27 5.32
N LEU A 8 0.84 6.69 4.88
CA LEU A 8 -0.34 6.74 5.80
C LEU A 8 -0.33 5.49 6.70
N CYS A 9 0.09 4.38 6.17
CA CYS A 9 0.12 3.13 6.99
C CYS A 9 1.56 2.62 7.09
N ARG A 10 2.40 3.00 6.18
CA ARG A 10 3.81 2.53 6.22
C ARG A 10 3.92 1.17 5.55
N ALA A 11 4.01 1.15 4.24
CA ALA A 11 4.12 -0.15 3.53
C ALA A 11 4.61 0.10 2.10
N GLY A 12 5.34 -0.83 1.54
CA GLY A 12 5.86 -0.64 0.16
C GLY A 12 5.71 -1.96 -0.63
N CYS A 13 4.86 -1.98 -1.61
CA CYS A 13 4.68 -3.23 -2.40
C CYS A 13 4.62 -2.88 -3.89
N PRO A 14 5.32 -3.62 -4.71
CA PRO A 14 5.35 -3.39 -6.18
C PRO A 14 4.06 -3.82 -6.86
N SER A 15 3.13 -4.36 -6.12
CA SER A 15 1.85 -4.80 -6.73
C SER A 15 0.73 -3.88 -6.24
N LEU A 16 -0.15 -3.48 -7.12
CA LEU A 16 -1.27 -2.59 -6.71
C LEU A 16 -2.39 -3.42 -6.11
N ALA A 17 -2.68 -4.56 -6.69
CA ALA A 17 -3.76 -5.42 -6.14
C ALA A 17 -3.51 -5.68 -4.65
N SER A 18 -2.30 -6.03 -4.30
CA SER A 18 -2.00 -6.30 -2.86
C SER A 18 -2.11 -5.00 -2.07
N MET A 19 -1.75 -3.90 -2.68
CA MET A 19 -1.83 -2.59 -1.96
C MET A 19 -3.29 -2.20 -1.77
N GLN A 20 -4.12 -2.47 -2.74
CA GLN A 20 -5.56 -2.11 -2.62
C GLN A 20 -6.14 -2.77 -1.36
N ALA A 21 -5.70 -3.97 -1.05
CA ALA A 21 -6.22 -4.66 0.15
C ALA A 21 -5.94 -3.82 1.39
N HIS A 22 -4.90 -3.03 1.37
CA HIS A 22 -4.57 -2.17 2.53
C HIS A 22 -5.48 -0.95 2.52
N MET A 23 -5.90 -0.55 1.36
CA MET A 23 -6.79 0.64 1.25
C MET A 23 -8.20 0.27 1.74
N ARG A 24 -8.63 -0.93 1.44
CA ARG A 24 -9.99 -1.35 1.88
C ARG A 24 -10.01 -1.47 3.41
N GLY A 25 -8.85 -1.41 4.03
CA GLY A 25 -8.80 -1.52 5.51
C GLY A 25 -8.41 -0.17 6.12
N HIS A 26 -8.09 0.79 5.28
CA HIS A 26 -7.69 2.13 5.80
C HIS A 26 -8.85 2.72 6.60
N SER A 27 -8.76 2.72 7.90
CA SER A 27 -9.87 3.29 8.73
C SER A 27 -9.46 3.25 10.21
ZN ZN B . -1.78 3.27 4.16
N ALA A 1 12.32 4.86 -3.73
CA ALA A 1 12.23 4.02 -2.51
C ALA A 1 11.54 2.69 -2.85
N ALA A 2 10.38 2.76 -3.43
CA ALA A 2 9.66 1.50 -3.78
C ALA A 2 8.49 1.83 -4.71
N PRO A 3 8.07 0.87 -5.51
CA PRO A 3 6.95 1.04 -6.46
C PRO A 3 5.76 1.77 -5.82
N TYR A 4 5.21 1.24 -4.76
CA TYR A 4 4.06 1.90 -4.10
C TYR A 4 4.34 2.02 -2.60
N ARG A 5 4.78 3.17 -2.15
CA ARG A 5 5.06 3.35 -0.70
C ARG A 5 3.91 4.13 -0.05
N CYS A 6 2.92 3.44 0.44
CA CYS A 6 1.78 4.16 1.09
C CYS A 6 2.24 4.75 2.41
N PRO A 7 2.11 6.04 2.58
CA PRO A 7 2.52 6.75 3.82
C PRO A 7 1.52 6.57 4.96
N LEU A 8 0.24 6.60 4.65
CA LEU A 8 -0.78 6.43 5.72
C LEU A 8 -0.25 5.46 6.78
N CYS A 9 0.39 4.40 6.36
CA CYS A 9 0.93 3.42 7.33
C CYS A 9 2.43 3.24 7.10
N ARG A 10 2.90 3.58 5.92
CA ARG A 10 4.35 3.42 5.62
C ARG A 10 4.65 1.98 5.21
N ALA A 11 4.29 1.61 4.02
CA ALA A 11 4.54 0.22 3.56
C ALA A 11 4.85 0.23 2.06
N GLY A 12 5.66 -0.69 1.61
CA GLY A 12 6.00 -0.74 0.16
C GLY A 12 5.56 -2.07 -0.44
N CYS A 13 4.75 -2.03 -1.46
CA CYS A 13 4.27 -3.30 -2.08
C CYS A 13 4.38 -3.18 -3.61
N PRO A 14 4.97 -4.16 -4.25
CA PRO A 14 5.13 -4.16 -5.73
C PRO A 14 3.82 -4.41 -6.46
N SER A 15 2.88 -5.07 -5.83
CA SER A 15 1.58 -5.33 -6.50
C SER A 15 0.58 -4.24 -6.09
N LEU A 16 -0.19 -3.75 -7.02
CA LEU A 16 -1.18 -2.69 -6.68
C LEU A 16 -2.41 -3.33 -6.03
N ALA A 17 -2.79 -4.49 -6.50
CA ALA A 17 -3.98 -5.17 -5.90
C ALA A 17 -3.80 -5.27 -4.38
N SER A 18 -2.63 -5.62 -3.94
CA SER A 18 -2.39 -5.75 -2.47
C SER A 18 -2.50 -4.37 -1.82
N MET A 19 -1.82 -3.40 -2.35
CA MET A 19 -1.89 -2.03 -1.77
C MET A 19 -3.35 -1.56 -1.76
N GLN A 20 -4.05 -1.74 -2.85
CA GLN A 20 -5.47 -1.31 -2.89
C GLN A 20 -6.29 -2.12 -1.90
N ALA A 21 -6.19 -3.42 -1.96
CA ALA A 21 -6.96 -4.28 -1.01
C ALA A 21 -6.63 -3.88 0.42
N HIS A 22 -5.43 -3.39 0.66
CA HIS A 22 -5.06 -2.98 2.03
C HIS A 22 -5.65 -1.59 2.30
N MET A 23 -5.81 -0.81 1.28
CA MET A 23 -6.38 0.55 1.46
C MET A 23 -7.86 0.44 1.83
N ARG A 24 -8.50 -0.61 1.40
CA ARG A 24 -9.95 -0.78 1.73
C ARG A 24 -10.09 -1.06 3.23
N GLY A 25 -9.01 -1.41 3.89
CA GLY A 25 -9.08 -1.69 5.35
C GLY A 25 -8.12 -0.75 6.09
N HIS A 26 -7.59 0.23 5.42
CA HIS A 26 -6.65 1.17 6.09
C HIS A 26 -7.31 1.73 7.35
N SER A 27 -8.61 1.71 7.42
CA SER A 27 -9.31 2.25 8.62
C SER A 27 -8.63 1.70 9.88
ZN ZN B . -1.04 1.67 4.23
N ALA A 1 10.49 5.64 -3.24
CA ALA A 1 11.21 4.36 -2.98
C ALA A 1 10.65 3.26 -3.88
N ALA A 2 9.50 2.75 -3.56
CA ALA A 2 8.90 1.67 -4.41
C ALA A 2 7.66 2.21 -5.12
N PRO A 3 7.21 1.51 -6.12
CA PRO A 3 6.01 1.91 -6.92
C PRO A 3 4.86 2.38 -6.03
N TYR A 4 4.67 1.74 -4.90
CA TYR A 4 3.57 2.15 -3.99
C TYR A 4 4.07 2.16 -2.55
N ARG A 5 4.51 3.29 -2.07
CA ARG A 5 5.01 3.36 -0.67
C ARG A 5 3.98 4.07 0.20
N CYS A 6 3.08 3.34 0.81
CA CYS A 6 2.05 3.99 1.67
C CYS A 6 2.66 4.28 3.05
N PRO A 7 2.77 5.53 3.40
CA PRO A 7 3.34 5.94 4.71
C PRO A 7 2.33 5.80 5.86
N LEU A 8 1.07 5.97 5.56
CA LEU A 8 0.04 5.85 6.63
C LEU A 8 0.24 4.54 7.40
N CYS A 9 0.92 3.59 6.80
CA CYS A 9 1.15 2.29 7.50
C CYS A 9 2.65 1.99 7.52
N ARG A 10 3.39 2.49 6.56
CA ARG A 10 4.85 2.23 6.52
C ARG A 10 5.11 0.92 5.77
N ALA A 11 4.62 0.82 4.57
CA ALA A 11 4.85 -0.43 3.78
C ALA A 11 4.97 -0.09 2.30
N GLY A 12 5.72 -0.86 1.56
CA GLY A 12 5.88 -0.57 0.11
C GLY A 12 5.67 -1.85 -0.69
N CYS A 13 4.64 -1.91 -1.49
CA CYS A 13 4.38 -3.14 -2.30
C CYS A 13 4.39 -2.78 -3.79
N PRO A 14 5.13 -3.51 -4.58
CA PRO A 14 5.22 -3.26 -6.04
C PRO A 14 3.96 -3.71 -6.79
N SER A 15 3.03 -4.31 -6.09
CA SER A 15 1.78 -4.77 -6.76
C SER A 15 0.60 -3.91 -6.28
N LEU A 16 -0.25 -3.51 -7.17
CA LEU A 16 -1.42 -2.67 -6.76
C LEU A 16 -2.43 -3.54 -6.01
N ALA A 17 -2.50 -4.80 -6.35
CA ALA A 17 -3.47 -5.70 -5.66
C ALA A 17 -3.12 -5.77 -4.18
N SER A 18 -1.88 -6.06 -3.87
CA SER A 18 -1.47 -6.15 -2.44
C SER A 18 -1.80 -4.83 -1.73
N MET A 19 -1.62 -3.73 -2.41
CA MET A 19 -1.91 -2.41 -1.77
C MET A 19 -3.43 -2.19 -1.76
N GLN A 20 -4.10 -2.55 -2.81
CA GLN A 20 -5.58 -2.36 -2.86
C GLN A 20 -6.22 -3.06 -1.66
N ALA A 21 -5.64 -4.15 -1.21
CA ALA A 21 -6.22 -4.86 -0.04
C ALA A 21 -6.01 -4.04 1.23
N HIS A 22 -4.98 -3.23 1.25
CA HIS A 22 -4.73 -2.39 2.46
C HIS A 22 -5.65 -1.18 2.43
N MET A 23 -5.96 -0.71 1.25
CA MET A 23 -6.87 0.47 1.12
C MET A 23 -8.23 0.13 1.73
N ARG A 24 -8.66 -1.09 1.60
CA ARG A 24 -9.98 -1.50 2.17
C ARG A 24 -9.90 -1.43 3.69
N GLY A 25 -8.73 -1.51 4.24
CA GLY A 25 -8.59 -1.44 5.72
C GLY A 25 -8.34 0.00 6.15
N HIS A 26 -8.02 0.86 5.22
CA HIS A 26 -7.75 2.29 5.57
C HIS A 26 -9.02 3.10 5.34
N SER A 27 -9.05 4.32 5.82
CA SER A 27 -10.26 5.17 5.62
C SER A 27 -9.87 6.43 4.84
ZN ZN B . -1.87 3.08 4.68
N ALA A 1 10.35 5.25 -1.87
CA ALA A 1 11.18 5.03 -3.09
C ALA A 1 10.64 3.81 -3.85
N ALA A 2 9.45 3.38 -3.54
CA ALA A 2 8.88 2.20 -4.25
C ALA A 2 7.58 2.62 -4.96
N PRO A 3 7.15 1.82 -5.91
CA PRO A 3 5.90 2.10 -6.68
C PRO A 3 4.74 2.51 -5.76
N TYR A 4 4.46 1.74 -4.75
CA TYR A 4 3.34 2.07 -3.83
C TYR A 4 3.85 2.08 -2.39
N ARG A 5 4.42 3.18 -1.96
CA ARG A 5 4.93 3.25 -0.56
C ARG A 5 3.93 4.00 0.31
N CYS A 6 3.03 3.31 0.95
CA CYS A 6 2.03 3.99 1.81
C CYS A 6 2.62 4.24 3.20
N PRO A 7 2.73 5.48 3.59
CA PRO A 7 3.29 5.87 4.92
C PRO A 7 2.29 5.65 6.05
N LEU A 8 1.03 5.89 5.79
CA LEU A 8 -0.01 5.70 6.85
C LEU A 8 0.31 4.44 7.66
N CYS A 9 0.88 3.44 7.03
CA CYS A 9 1.21 2.19 7.77
C CYS A 9 2.72 1.97 7.73
N ARG A 10 3.39 2.50 6.74
CA ARG A 10 4.86 2.31 6.65
C ARG A 10 5.16 1.00 5.93
N ALA A 11 4.82 0.91 4.67
CA ALA A 11 5.08 -0.34 3.91
C ALA A 11 5.06 -0.04 2.41
N GLY A 12 5.65 -0.88 1.61
CA GLY A 12 5.66 -0.64 0.15
C GLY A 12 5.46 -1.96 -0.59
N CYS A 13 4.67 -1.95 -1.64
CA CYS A 13 4.42 -3.21 -2.40
C CYS A 13 4.33 -2.89 -3.90
N PRO A 14 5.06 -3.61 -4.71
CA PRO A 14 5.06 -3.40 -6.18
C PRO A 14 3.77 -3.90 -6.84
N SER A 15 2.89 -4.50 -6.08
CA SER A 15 1.62 -4.99 -6.67
C SER A 15 0.47 -4.12 -6.18
N LEU A 16 -0.44 -3.79 -7.05
CA LEU A 16 -1.60 -2.93 -6.64
C LEU A 16 -2.67 -3.82 -6.01
N ALA A 17 -2.87 -5.00 -6.53
CA ALA A 17 -3.90 -5.90 -5.96
C ALA A 17 -3.64 -6.11 -4.46
N SER A 18 -2.40 -6.31 -4.10
CA SER A 18 -2.08 -6.51 -2.66
C SER A 18 -2.19 -5.18 -1.92
N MET A 19 -1.74 -4.12 -2.52
CA MET A 19 -1.83 -2.79 -1.86
C MET A 19 -3.28 -2.33 -1.81
N GLN A 20 -4.08 -2.76 -2.75
CA GLN A 20 -5.52 -2.35 -2.77
C GLN A 20 -6.23 -2.98 -1.57
N ALA A 21 -5.97 -4.23 -1.30
CA ALA A 21 -6.64 -4.90 -0.14
C ALA A 21 -6.25 -4.18 1.15
N HIS A 22 -5.09 -3.58 1.19
CA HIS A 22 -4.67 -2.85 2.41
C HIS A 22 -5.36 -1.49 2.45
N MET A 23 -5.53 -0.89 1.30
CA MET A 23 -6.20 0.44 1.24
C MET A 23 -7.60 0.34 1.88
N ARG A 24 -8.20 -0.82 1.82
CA ARG A 24 -9.55 -0.98 2.42
C ARG A 24 -9.44 -0.85 3.94
N GLY A 25 -8.25 -0.76 4.45
CA GLY A 25 -8.08 -0.63 5.93
C GLY A 25 -7.72 0.81 6.28
N HIS A 26 -7.41 1.61 5.30
CA HIS A 26 -7.04 3.03 5.57
C HIS A 26 -8.16 3.95 5.07
N SER A 27 -9.22 3.39 4.57
CA SER A 27 -10.35 4.24 4.07
C SER A 27 -11.33 4.53 5.20
ZN ZN B . -1.41 2.30 4.69
N ALA A 1 10.90 5.03 -2.33
CA ALA A 1 11.28 4.89 -3.76
C ALA A 1 10.73 3.56 -4.30
N ALA A 2 9.74 3.02 -3.66
CA ALA A 2 9.17 1.73 -4.13
C ALA A 2 7.87 2.01 -4.91
N PRO A 3 7.47 1.08 -5.74
CA PRO A 3 6.24 1.22 -6.56
C PRO A 3 5.06 1.76 -5.74
N TYR A 4 4.74 1.13 -4.65
CA TYR A 4 3.60 1.62 -3.81
C TYR A 4 4.05 1.73 -2.36
N ARG A 5 4.62 2.85 -1.99
CA ARG A 5 5.07 3.03 -0.58
C ARG A 5 4.03 3.85 0.19
N CYS A 6 3.11 3.19 0.83
CA CYS A 6 2.08 3.92 1.61
C CYS A 6 2.66 4.38 2.95
N PRO A 7 2.77 5.66 3.15
CA PRO A 7 3.32 6.24 4.41
C PRO A 7 2.30 6.22 5.56
N LEU A 8 1.04 6.31 5.24
CA LEU A 8 0.00 6.30 6.31
C LEU A 8 0.38 5.26 7.37
N CYS A 9 0.87 4.12 6.96
CA CYS A 9 1.25 3.07 7.94
C CYS A 9 2.71 2.67 7.72
N ARG A 10 3.27 3.02 6.60
CA ARG A 10 4.69 2.65 6.33
C ARG A 10 4.75 1.24 5.75
N ALA A 11 4.58 1.10 4.47
CA ALA A 11 4.63 -0.25 3.85
C ALA A 11 4.95 -0.12 2.36
N GLY A 12 5.49 -1.15 1.77
CA GLY A 12 5.82 -1.08 0.31
C GLY A 12 5.35 -2.37 -0.38
N CYS A 13 4.57 -2.23 -1.41
CA CYS A 13 4.09 -3.45 -2.13
C CYS A 13 4.28 -3.26 -3.64
N PRO A 14 4.91 -4.21 -4.29
CA PRO A 14 5.15 -4.14 -5.75
C PRO A 14 3.88 -4.41 -6.57
N SER A 15 2.90 -5.03 -5.98
CA SER A 15 1.65 -5.31 -6.72
C SER A 15 0.59 -4.26 -6.35
N LEU A 16 -0.13 -3.77 -7.32
CA LEU A 16 -1.17 -2.75 -7.02
C LEU A 16 -2.32 -3.41 -6.25
N ALA A 17 -2.62 -4.64 -6.55
CA ALA A 17 -3.72 -5.33 -5.82
C ALA A 17 -3.46 -5.26 -4.31
N SER A 18 -2.26 -5.51 -3.90
CA SER A 18 -1.95 -5.45 -2.45
C SER A 18 -2.13 -4.02 -1.95
N MET A 19 -1.64 -3.06 -2.68
CA MET A 19 -1.79 -1.64 -2.25
C MET A 19 -3.27 -1.33 -2.02
N GLN A 20 -4.10 -1.60 -2.99
CA GLN A 20 -5.55 -1.33 -2.83
C GLN A 20 -6.09 -2.16 -1.66
N ALA A 21 -5.75 -3.42 -1.61
CA ALA A 21 -6.25 -4.29 -0.51
C ALA A 21 -5.85 -3.66 0.83
N HIS A 22 -4.79 -2.90 0.85
CA HIS A 22 -4.36 -2.26 2.11
C HIS A 22 -5.24 -1.03 2.38
N MET A 23 -5.74 -0.44 1.34
CA MET A 23 -6.60 0.76 1.52
C MET A 23 -7.97 0.33 2.06
N ARG A 24 -8.40 -0.86 1.72
CA ARG A 24 -9.73 -1.33 2.23
C ARG A 24 -9.66 -1.53 3.73
N GLY A 25 -8.48 -1.63 4.28
CA GLY A 25 -8.34 -1.82 5.74
C GLY A 25 -8.00 -0.49 6.41
N HIS A 26 -7.83 0.55 5.63
CA HIS A 26 -7.50 1.88 6.21
C HIS A 26 -8.77 2.71 6.36
N SER A 27 -9.80 2.35 5.65
CA SER A 27 -11.08 3.12 5.75
C SER A 27 -12.19 2.36 5.02
ZN ZN B . -1.73 3.10 4.75
N ALA A 1 11.34 5.00 -3.13
CA ALA A 1 10.84 5.09 -4.53
C ALA A 1 9.99 3.86 -4.85
N ALA A 2 9.72 3.05 -3.87
CA ALA A 2 8.90 1.83 -4.12
C ALA A 2 7.60 2.22 -4.84
N PRO A 3 7.23 1.48 -5.86
CA PRO A 3 5.99 1.75 -6.64
C PRO A 3 4.81 2.13 -5.75
N TYR A 4 4.77 1.64 -4.55
CA TYR A 4 3.64 1.98 -3.63
C TYR A 4 4.13 1.97 -2.19
N ARG A 5 4.72 3.04 -1.73
CA ARG A 5 5.21 3.08 -0.33
C ARG A 5 4.26 3.93 0.53
N CYS A 6 3.25 3.33 1.08
CA CYS A 6 2.29 4.10 1.91
C CYS A 6 2.89 4.34 3.31
N PRO A 7 3.15 5.58 3.63
CA PRO A 7 3.73 5.95 4.95
C PRO A 7 2.69 5.95 6.07
N LEU A 8 1.45 6.20 5.74
CA LEU A 8 0.39 6.21 6.79
C LEU A 8 0.55 4.99 7.69
N CYS A 9 0.95 3.88 7.14
CA CYS A 9 1.13 2.66 7.98
C CYS A 9 2.56 2.14 7.83
N ARG A 10 3.26 2.58 6.82
CA ARG A 10 4.65 2.11 6.62
C ARG A 10 4.65 0.77 5.88
N ALA A 11 4.48 0.79 4.60
CA ALA A 11 4.47 -0.49 3.82
C ALA A 11 4.85 -0.22 2.37
N GLY A 12 5.48 -1.16 1.73
CA GLY A 12 5.88 -0.96 0.31
C GLY A 12 5.59 -2.22 -0.49
N CYS A 13 4.79 -2.13 -1.51
CA CYS A 13 4.48 -3.34 -2.33
C CYS A 13 4.46 -2.97 -3.82
N PRO A 14 5.12 -3.74 -4.64
CA PRO A 14 5.18 -3.48 -6.11
C PRO A 14 3.85 -3.81 -6.81
N SER A 15 3.01 -4.59 -6.18
CA SER A 15 1.70 -4.93 -6.81
C SER A 15 0.63 -3.98 -6.30
N LEU A 16 -0.22 -3.51 -7.17
CA LEU A 16 -1.30 -2.58 -6.74
C LEU A 16 -2.44 -3.37 -6.10
N ALA A 17 -2.85 -4.45 -6.73
CA ALA A 17 -3.95 -5.26 -6.15
C ALA A 17 -3.60 -5.65 -4.71
N SER A 18 -2.35 -5.95 -4.46
CA SER A 18 -1.95 -6.33 -3.08
C SER A 18 -1.97 -5.09 -2.18
N MET A 19 -1.56 -3.97 -2.71
CA MET A 19 -1.56 -2.72 -1.88
C MET A 19 -3.00 -2.27 -1.64
N GLN A 20 -3.84 -2.36 -2.64
CA GLN A 20 -5.26 -1.93 -2.47
C GLN A 20 -5.90 -2.74 -1.36
N ALA A 21 -5.54 -4.00 -1.25
CA ALA A 21 -6.15 -4.85 -0.18
C ALA A 21 -5.95 -4.17 1.17
N HIS A 22 -4.90 -3.42 1.33
CA HIS A 22 -4.66 -2.72 2.63
C HIS A 22 -5.54 -1.47 2.68
N MET A 23 -5.73 -0.83 1.57
CA MET A 23 -6.59 0.39 1.55
C MET A 23 -7.95 0.06 2.15
N ARG A 24 -8.38 -1.16 2.05
CA ARG A 24 -9.70 -1.54 2.62
C ARG A 24 -9.66 -1.36 4.14
N GLY A 25 -8.49 -1.25 4.69
CA GLY A 25 -8.37 -1.06 6.18
C GLY A 25 -8.27 0.43 6.49
N HIS A 26 -8.13 1.25 5.48
CA HIS A 26 -8.02 2.72 5.72
C HIS A 26 -9.36 3.38 5.48
N SER A 27 -9.68 3.68 4.25
CA SER A 27 -10.99 4.32 3.95
C SER A 27 -12.05 3.79 4.91
ZN ZN B . -1.67 2.75 4.70
N ALA A 1 11.67 5.04 -2.32
CA ALA A 1 10.85 5.45 -3.49
C ALA A 1 10.34 4.20 -4.22
N ALA A 2 9.25 3.63 -3.77
CA ALA A 2 8.71 2.42 -4.43
C ALA A 2 7.35 2.74 -5.05
N PRO A 3 6.88 1.89 -5.92
CA PRO A 3 5.57 2.07 -6.61
C PRO A 3 4.46 2.45 -5.63
N TYR A 4 4.25 1.65 -4.62
CA TYR A 4 3.18 1.97 -3.63
C TYR A 4 3.78 2.03 -2.23
N ARG A 5 4.10 3.20 -1.76
CA ARG A 5 4.69 3.33 -0.39
C ARG A 5 3.70 4.04 0.52
N CYS A 6 2.85 3.30 1.18
CA CYS A 6 1.86 3.93 2.10
C CYS A 6 2.53 4.27 3.44
N PRO A 7 2.63 5.53 3.75
CA PRO A 7 3.26 6.00 5.02
C PRO A 7 2.33 5.86 6.22
N LEU A 8 1.04 5.90 5.99
CA LEU A 8 0.07 5.77 7.11
C LEU A 8 0.50 4.61 8.02
N CYS A 9 0.99 3.55 7.46
CA CYS A 9 1.41 2.38 8.28
C CYS A 9 2.89 2.09 8.02
N ARG A 10 3.42 2.58 6.93
CA ARG A 10 4.86 2.32 6.64
C ARG A 10 4.99 0.97 5.93
N ALA A 11 4.51 0.87 4.72
CA ALA A 11 4.62 -0.43 3.99
C ALA A 11 4.83 -0.15 2.51
N GLY A 12 5.54 -1.02 1.83
CA GLY A 12 5.80 -0.81 0.37
C GLY A 12 5.58 -2.12 -0.38
N CYS A 13 4.78 -2.09 -1.40
CA CYS A 13 4.53 -3.34 -2.18
C CYS A 13 4.41 -3.00 -3.68
N PRO A 14 5.15 -3.69 -4.50
CA PRO A 14 5.13 -3.46 -5.98
C PRO A 14 3.85 -3.97 -6.64
N SER A 15 2.99 -4.59 -5.89
CA SER A 15 1.71 -5.11 -6.47
C SER A 15 0.56 -4.16 -6.12
N LEU A 16 -0.28 -3.89 -7.07
CA LEU A 16 -1.43 -2.98 -6.78
C LEU A 16 -2.57 -3.77 -6.14
N ALA A 17 -2.85 -4.94 -6.64
CA ALA A 17 -3.94 -5.77 -6.06
C ALA A 17 -3.69 -5.97 -4.56
N SER A 18 -2.57 -6.52 -4.20
CA SER A 18 -2.27 -6.73 -2.76
C SER A 18 -2.38 -5.40 -2.01
N MET A 19 -1.85 -4.35 -2.57
CA MET A 19 -1.93 -3.03 -1.89
C MET A 19 -3.38 -2.54 -1.90
N GLN A 20 -4.09 -2.81 -2.95
CA GLN A 20 -5.51 -2.35 -3.01
C GLN A 20 -6.31 -3.00 -1.89
N ALA A 21 -6.08 -4.27 -1.64
CA ALA A 21 -6.83 -4.95 -0.56
C ALA A 21 -6.47 -4.32 0.79
N HIS A 22 -5.26 -3.86 0.95
CA HIS A 22 -4.87 -3.23 2.23
C HIS A 22 -5.40 -1.79 2.26
N MET A 23 -5.45 -1.17 1.11
CA MET A 23 -5.95 0.23 1.04
C MET A 23 -7.32 0.31 1.70
N ARG A 24 -8.07 -0.77 1.68
CA ARG A 24 -9.41 -0.74 2.31
C ARG A 24 -9.27 -0.52 3.82
N GLY A 25 -8.09 -0.77 4.34
CA GLY A 25 -7.87 -0.58 5.80
C GLY A 25 -7.27 0.80 6.04
N HIS A 26 -7.10 1.58 5.01
CA HIS A 26 -6.50 2.93 5.18
C HIS A 26 -7.60 3.99 5.08
N SER A 27 -8.63 3.72 4.34
CA SER A 27 -9.74 4.70 4.20
C SER A 27 -11.02 4.12 4.79
ZN ZN B . -0.44 0.82 4.66
N ALA A 1 12.50 5.49 -3.74
CA ALA A 1 11.70 4.73 -2.74
C ALA A 1 11.18 3.43 -3.38
N ALA A 2 9.89 3.33 -3.56
CA ALA A 2 9.33 2.09 -4.18
C ALA A 2 8.06 2.45 -4.95
N PRO A 3 7.70 1.64 -5.91
CA PRO A 3 6.48 1.85 -6.73
C PRO A 3 5.27 2.26 -5.88
N TYR A 4 4.95 1.48 -4.88
CA TYR A 4 3.79 1.83 -4.02
C TYR A 4 4.23 1.87 -2.56
N ARG A 5 4.77 2.98 -2.12
CA ARG A 5 5.23 3.09 -0.70
C ARG A 5 4.15 3.78 0.13
N CYS A 6 3.27 3.02 0.72
CA CYS A 6 2.18 3.63 1.55
C CYS A 6 2.79 4.19 2.85
N PRO A 7 2.75 5.48 3.02
CA PRO A 7 3.31 6.14 4.24
C PRO A 7 2.36 6.03 5.44
N LEU A 8 1.08 6.10 5.21
CA LEU A 8 0.11 5.99 6.34
C LEU A 8 0.54 4.87 7.27
N CYS A 9 1.13 3.83 6.75
CA CYS A 9 1.57 2.71 7.62
C CYS A 9 3.07 2.44 7.38
N ARG A 10 3.59 2.91 6.30
CA ARG A 10 5.04 2.69 6.00
C ARG A 10 5.23 1.29 5.43
N ALA A 11 4.80 1.08 4.21
CA ALA A 11 4.96 -0.26 3.59
C ALA A 11 5.29 -0.11 2.11
N GLY A 12 5.87 -1.12 1.51
CA GLY A 12 6.23 -1.01 0.08
C GLY A 12 5.81 -2.30 -0.65
N CYS A 13 5.03 -2.18 -1.68
CA CYS A 13 4.58 -3.40 -2.42
C CYS A 13 4.57 -3.09 -3.93
N PRO A 14 5.24 -3.89 -4.72
CA PRO A 14 5.30 -3.70 -6.19
C PRO A 14 3.99 -4.09 -6.88
N SER A 15 3.03 -4.55 -6.13
CA SER A 15 1.73 -4.93 -6.75
C SER A 15 0.64 -3.99 -6.24
N LEU A 16 -0.22 -3.55 -7.12
CA LEU A 16 -1.32 -2.63 -6.69
C LEU A 16 -2.40 -3.43 -5.97
N ALA A 17 -2.68 -4.62 -6.44
CA ALA A 17 -3.73 -5.45 -5.78
C ALA A 17 -3.39 -5.60 -4.29
N SER A 18 -2.13 -5.69 -3.96
CA SER A 18 -1.73 -5.83 -2.53
C SER A 18 -2.09 -4.56 -1.77
N MET A 19 -1.73 -3.41 -2.29
CA MET A 19 -2.05 -2.14 -1.60
C MET A 19 -3.56 -1.90 -1.63
N GLN A 20 -4.18 -2.18 -2.75
CA GLN A 20 -5.65 -1.97 -2.85
C GLN A 20 -6.36 -2.85 -1.81
N ALA A 21 -5.87 -4.03 -1.58
CA ALA A 21 -6.52 -4.93 -0.58
C ALA A 21 -6.39 -4.31 0.81
N HIS A 22 -5.32 -3.60 1.05
CA HIS A 22 -5.14 -2.96 2.39
C HIS A 22 -5.99 -1.70 2.46
N MET A 23 -6.21 -1.08 1.33
CA MET A 23 -7.03 0.17 1.31
C MET A 23 -8.37 -0.10 1.97
N ARG A 24 -8.85 -1.31 1.91
CA ARG A 24 -10.15 -1.64 2.55
C ARG A 24 -10.04 -1.46 4.07
N GLY A 25 -8.85 -1.22 4.55
CA GLY A 25 -8.68 -1.04 6.02
C GLY A 25 -8.47 0.44 6.33
N HIS A 26 -8.31 1.25 5.31
CA HIS A 26 -8.10 2.71 5.55
C HIS A 26 -9.44 3.44 5.46
N SER A 27 -10.14 3.57 6.55
CA SER A 27 -11.45 4.27 6.52
C SER A 27 -11.22 5.79 6.49
ZN ZN B . -1.74 2.17 4.32
N ALA A 1 13.09 4.23 -3.53
CA ALA A 1 11.62 4.23 -3.33
C ALA A 1 10.99 3.11 -4.16
N ALA A 2 9.95 2.51 -3.65
CA ALA A 2 9.29 1.40 -4.41
C ALA A 2 8.03 1.93 -5.09
N PRO A 3 7.50 1.19 -6.02
CA PRO A 3 6.27 1.57 -6.77
C PRO A 3 5.17 2.12 -5.85
N TYR A 4 4.65 1.30 -4.99
CA TYR A 4 3.57 1.77 -4.07
C TYR A 4 4.15 1.96 -2.67
N ARG A 5 4.47 3.17 -2.31
CA ARG A 5 5.03 3.43 -0.95
C ARG A 5 4.00 4.21 -0.12
N CYS A 6 3.16 3.52 0.59
CA CYS A 6 2.14 4.22 1.42
C CYS A 6 2.72 4.53 2.80
N PRO A 7 2.91 5.79 3.10
CA PRO A 7 3.47 6.24 4.41
C PRO A 7 2.39 6.31 5.49
N LEU A 8 1.16 6.52 5.10
CA LEU A 8 0.07 6.61 6.10
C LEU A 8 0.25 5.50 7.16
N CYS A 9 0.64 4.33 6.74
CA CYS A 9 0.84 3.23 7.73
C CYS A 9 2.26 2.69 7.60
N ARG A 10 2.96 3.08 6.56
CA ARG A 10 4.36 2.59 6.39
C ARG A 10 4.33 1.22 5.69
N ALA A 11 4.25 1.21 4.39
CA ALA A 11 4.22 -0.08 3.66
C ALA A 11 4.81 0.10 2.26
N GLY A 12 5.44 -0.91 1.73
CA GLY A 12 6.04 -0.80 0.37
C GLY A 12 5.82 -2.10 -0.38
N CYS A 13 4.95 -2.10 -1.36
CA CYS A 13 4.69 -3.34 -2.14
C CYS A 13 4.57 -3.00 -3.63
N PRO A 14 5.27 -3.74 -4.46
CA PRO A 14 5.24 -3.51 -5.93
C PRO A 14 3.93 -3.97 -6.57
N SER A 15 3.06 -4.56 -5.80
CA SER A 15 1.75 -5.02 -6.36
C SER A 15 0.66 -4.02 -5.99
N LEU A 16 -0.20 -3.71 -6.92
CA LEU A 16 -1.30 -2.74 -6.63
C LEU A 16 -2.46 -3.47 -5.96
N ALA A 17 -2.81 -4.63 -6.45
CA ALA A 17 -3.93 -5.39 -5.84
C ALA A 17 -3.63 -5.67 -4.38
N SER A 18 -2.40 -5.96 -4.05
CA SER A 18 -2.04 -6.23 -2.63
C SER A 18 -2.04 -4.93 -1.84
N MET A 19 -1.68 -3.84 -2.46
CA MET A 19 -1.65 -2.53 -1.74
C MET A 19 -3.08 -2.00 -1.62
N GLN A 20 -3.86 -2.11 -2.67
CA GLN A 20 -5.26 -1.60 -2.62
C GLN A 20 -6.02 -2.33 -1.52
N ALA A 21 -5.86 -3.62 -1.43
CA ALA A 21 -6.58 -4.39 -0.38
C ALA A 21 -6.26 -3.79 0.99
N HIS A 22 -5.10 -3.22 1.15
CA HIS A 22 -4.74 -2.60 2.45
C HIS A 22 -5.40 -1.22 2.55
N MET A 23 -5.58 -0.59 1.43
CA MET A 23 -6.22 0.75 1.42
C MET A 23 -7.73 0.61 1.66
N ARG A 24 -8.31 -0.45 1.17
CA ARG A 24 -9.77 -0.65 1.37
C ARG A 24 -10.05 -0.92 2.85
N GLY A 25 -9.04 -1.27 3.59
CA GLY A 25 -9.24 -1.54 5.05
C GLY A 25 -8.58 -0.43 5.87
N HIS A 26 -7.94 0.50 5.22
CA HIS A 26 -7.27 1.61 5.96
C HIS A 26 -8.29 2.26 6.91
N SER A 27 -9.55 2.18 6.60
CA SER A 27 -10.59 2.79 7.48
C SER A 27 -11.19 1.72 8.39
ZN ZN B . -1.71 2.60 3.79
N ALA A 1 12.44 4.17 -1.83
CA ALA A 1 11.23 4.73 -2.48
C ALA A 1 10.61 3.69 -3.40
N ALA A 2 9.93 2.72 -2.85
CA ALA A 2 9.30 1.68 -3.70
C ALA A 2 8.13 2.28 -4.48
N PRO A 3 7.64 1.58 -5.47
CA PRO A 3 6.51 2.04 -6.31
C PRO A 3 5.34 2.59 -5.47
N TYR A 4 4.66 1.73 -4.77
CA TYR A 4 3.52 2.19 -3.93
C TYR A 4 3.93 2.18 -2.45
N ARG A 5 4.40 3.29 -1.95
CA ARG A 5 4.82 3.34 -0.52
C ARG A 5 3.77 4.12 0.29
N CYS A 6 2.80 3.44 0.82
CA CYS A 6 1.76 4.13 1.62
C CYS A 6 2.33 4.49 3.00
N PRO A 7 2.46 5.75 3.29
CA PRO A 7 3.00 6.23 4.60
C PRO A 7 1.96 6.15 5.72
N LEU A 8 0.72 6.43 5.42
CA LEU A 8 -0.33 6.37 6.47
C LEU A 8 -0.19 5.05 7.26
N CYS A 9 0.42 4.07 6.66
CA CYS A 9 0.59 2.76 7.36
C CYS A 9 2.08 2.39 7.40
N ARG A 10 2.83 2.84 6.43
CA ARG A 10 4.28 2.52 6.41
C ARG A 10 4.50 1.16 5.74
N ALA A 11 4.08 1.04 4.51
CA ALA A 11 4.25 -0.26 3.80
C ALA A 11 4.53 0.00 2.32
N GLY A 12 5.19 -0.92 1.66
CA GLY A 12 5.49 -0.72 0.21
C GLY A 12 5.14 -1.99 -0.55
N CYS A 13 4.39 -1.87 -1.61
CA CYS A 13 4.00 -3.07 -2.40
C CYS A 13 4.06 -2.74 -3.90
N PRO A 14 4.74 -3.55 -4.66
CA PRO A 14 4.87 -3.34 -6.13
C PRO A 14 3.59 -3.70 -6.88
N SER A 15 2.71 -4.42 -6.26
CA SER A 15 1.43 -4.79 -6.94
C SER A 15 0.28 -3.97 -6.37
N LEU A 16 -0.57 -3.47 -7.21
CA LEU A 16 -1.72 -2.65 -6.72
C LEU A 16 -2.82 -3.58 -6.19
N ALA A 17 -2.97 -4.73 -6.79
CA ALA A 17 -4.03 -5.68 -6.34
C ALA A 17 -3.85 -5.95 -4.84
N SER A 18 -2.67 -6.31 -4.42
CA SER A 18 -2.45 -6.60 -2.98
C SER A 18 -2.44 -5.28 -2.20
N MET A 19 -1.96 -4.23 -2.80
CA MET A 19 -1.93 -2.92 -2.10
C MET A 19 -3.36 -2.45 -1.81
N GLN A 20 -4.26 -2.69 -2.72
CA GLN A 20 -5.67 -2.26 -2.50
C GLN A 20 -6.26 -3.03 -1.31
N ALA A 21 -5.83 -4.24 -1.11
CA ALA A 21 -6.36 -5.04 0.03
C ALA A 21 -5.96 -4.38 1.35
N HIS A 22 -4.80 -3.79 1.39
CA HIS A 22 -4.36 -3.13 2.65
C HIS A 22 -5.03 -1.76 2.74
N MET A 23 -5.22 -1.13 1.62
CA MET A 23 -5.86 0.21 1.62
C MET A 23 -7.32 0.07 2.10
N ARG A 24 -7.93 -1.04 1.83
CA ARG A 24 -9.34 -1.24 2.28
C ARG A 24 -9.37 -1.29 3.81
N GLY A 25 -8.27 -1.59 4.42
CA GLY A 25 -8.24 -1.65 5.91
C GLY A 25 -7.93 -0.26 6.47
N HIS A 26 -7.50 0.64 5.64
CA HIS A 26 -7.18 2.01 6.13
C HIS A 26 -7.10 2.97 4.94
N SER A 27 -7.64 4.15 5.08
CA SER A 27 -7.58 5.14 3.96
C SER A 27 -7.11 6.49 4.49
ZN ZN B . -1.46 2.09 4.70
N ALA A 1 11.75 5.34 -3.08
CA ALA A 1 12.18 4.07 -2.43
C ALA A 1 11.55 2.89 -3.18
N ALA A 2 10.27 2.94 -3.41
CA ALA A 2 9.60 1.82 -4.12
C ALA A 2 8.38 2.35 -4.88
N PRO A 3 7.88 1.59 -5.82
CA PRO A 3 6.69 1.98 -6.63
C PRO A 3 5.55 2.51 -5.76
N TYR A 4 4.87 1.64 -5.04
CA TYR A 4 3.75 2.09 -4.18
C TYR A 4 4.23 2.19 -2.73
N ARG A 5 4.71 3.33 -2.33
CA ARG A 5 5.20 3.50 -0.93
C ARG A 5 4.11 4.17 -0.09
N CYS A 6 3.26 3.40 0.53
CA CYS A 6 2.18 4.01 1.36
C CYS A 6 2.74 4.39 2.73
N PRO A 7 2.76 5.66 3.04
CA PRO A 7 3.27 6.16 4.34
C PRO A 7 2.26 5.99 5.48
N LEU A 8 1.00 6.16 5.19
CA LEU A 8 -0.04 5.99 6.24
C LEU A 8 0.22 4.71 7.03
N CYS A 9 0.80 3.72 6.38
CA CYS A 9 1.08 2.45 7.09
C CYS A 9 2.60 2.22 7.17
N ARG A 10 3.32 2.76 6.22
CA ARG A 10 4.80 2.58 6.23
C ARG A 10 5.15 1.24 5.58
N ALA A 11 4.99 1.15 4.29
CA ALA A 11 5.31 -0.13 3.60
C ALA A 11 5.39 0.12 2.09
N GLY A 12 6.19 -0.65 1.39
CA GLY A 12 6.32 -0.46 -0.07
C GLY A 12 5.93 -1.75 -0.80
N CYS A 13 4.91 -1.70 -1.62
CA CYS A 13 4.49 -2.93 -2.35
C CYS A 13 4.45 -2.63 -3.86
N PRO A 14 5.12 -3.43 -4.64
CA PRO A 14 5.17 -3.25 -6.12
C PRO A 14 3.85 -3.65 -6.80
N SER A 15 3.00 -4.34 -6.10
CA SER A 15 1.71 -4.75 -6.71
C SER A 15 0.59 -3.90 -6.12
N LEU A 16 -0.33 -3.45 -6.94
CA LEU A 16 -1.45 -2.61 -6.42
C LEU A 16 -2.56 -3.53 -5.90
N ALA A 17 -2.73 -4.67 -6.51
CA ALA A 17 -3.80 -5.60 -6.04
C ALA A 17 -3.61 -5.88 -4.55
N SER A 18 -2.40 -6.09 -4.13
CA SER A 18 -2.16 -6.36 -2.67
C SER A 18 -2.45 -5.09 -1.87
N MET A 19 -1.83 -4.00 -2.22
CA MET A 19 -2.08 -2.73 -1.47
C MET A 19 -3.57 -2.37 -1.56
N GLN A 20 -4.19 -2.66 -2.67
CA GLN A 20 -5.63 -2.33 -2.81
C GLN A 20 -6.45 -3.06 -1.73
N ALA A 21 -6.04 -4.25 -1.38
CA ALA A 21 -6.77 -5.01 -0.33
C ALA A 21 -6.60 -4.31 1.02
N HIS A 22 -5.51 -3.61 1.20
CA HIS A 22 -5.29 -2.90 2.50
C HIS A 22 -6.10 -1.61 2.50
N MET A 23 -6.34 -1.06 1.35
CA MET A 23 -7.13 0.20 1.26
C MET A 23 -8.46 0.01 1.99
N ARG A 24 -8.95 -1.20 2.04
CA ARG A 24 -10.24 -1.45 2.74
C ARG A 24 -10.06 -1.19 4.23
N GLY A 25 -8.85 -1.18 4.70
CA GLY A 25 -8.61 -0.93 6.14
C GLY A 25 -8.26 0.54 6.37
N HIS A 26 -7.87 1.23 5.33
CA HIS A 26 -7.52 2.68 5.48
C HIS A 26 -8.80 3.51 5.48
N SER A 27 -9.76 3.15 6.30
CA SER A 27 -11.03 3.92 6.34
C SER A 27 -10.73 5.41 6.16
ZN ZN B . -1.48 2.10 3.78
N ALA A 1 12.03 2.57 -0.15
CA ALA A 1 11.48 3.05 -1.44
C ALA A 1 10.92 1.87 -2.23
N ALA A 2 9.94 2.10 -3.06
CA ALA A 2 9.35 0.99 -3.86
C ALA A 2 8.25 1.53 -4.77
N PRO A 3 7.86 0.76 -5.75
CA PRO A 3 6.79 1.15 -6.72
C PRO A 3 5.59 1.81 -6.04
N TYR A 4 5.18 1.30 -4.91
CA TYR A 4 4.01 1.89 -4.21
C TYR A 4 4.34 2.09 -2.73
N ARG A 5 4.90 3.22 -2.38
CA ARG A 5 5.24 3.46 -0.95
C ARG A 5 4.06 4.14 -0.26
N CYS A 6 3.19 3.37 0.32
CA CYS A 6 2.01 3.97 1.02
C CYS A 6 2.48 4.69 2.28
N PRO A 7 2.34 5.99 2.32
CA PRO A 7 2.76 6.82 3.49
C PRO A 7 1.72 6.80 4.61
N LEU A 8 0.47 6.75 4.27
CA LEU A 8 -0.59 6.73 5.33
C LEU A 8 -0.24 5.67 6.38
N CYS A 9 0.45 4.65 6.00
CA CYS A 9 0.82 3.58 6.97
C CYS A 9 2.34 3.45 7.02
N ARG A 10 3.02 3.88 6.00
CA ARG A 10 4.50 3.77 5.97
C ARG A 10 4.91 2.36 5.53
N ALA A 11 4.54 1.98 4.34
CA ALA A 11 4.89 0.62 3.85
C ALA A 11 5.20 0.68 2.35
N GLY A 12 5.70 -0.38 1.80
CA GLY A 12 6.03 -0.38 0.34
C GLY A 12 5.73 -1.75 -0.25
N CYS A 13 4.89 -1.79 -1.27
CA CYS A 13 4.55 -3.10 -1.90
C CYS A 13 4.60 -2.95 -3.42
N PRO A 14 5.29 -3.83 -4.10
CA PRO A 14 5.42 -3.79 -5.58
C PRO A 14 4.13 -4.22 -6.27
N SER A 15 3.12 -4.58 -5.53
CA SER A 15 1.84 -5.00 -6.16
C SER A 15 0.77 -3.94 -5.89
N LEU A 16 -0.01 -3.60 -6.87
CA LEU A 16 -1.08 -2.58 -6.67
C LEU A 16 -2.32 -3.24 -6.07
N ALA A 17 -2.68 -4.40 -6.54
CA ALA A 17 -3.87 -5.10 -5.99
C ALA A 17 -3.72 -5.25 -4.47
N SER A 18 -2.59 -5.72 -4.02
CA SER A 18 -2.38 -5.89 -2.56
C SER A 18 -2.62 -4.55 -1.85
N MET A 19 -2.05 -3.50 -2.35
CA MET A 19 -2.26 -2.17 -1.71
C MET A 19 -3.72 -1.73 -1.89
N GLN A 20 -4.24 -1.86 -3.08
CA GLN A 20 -5.66 -1.46 -3.31
C GLN A 20 -6.57 -2.26 -2.37
N ALA A 21 -6.30 -3.52 -2.20
CA ALA A 21 -7.14 -4.35 -1.30
C ALA A 21 -6.94 -3.90 0.16
N HIS A 22 -5.80 -3.36 0.46
CA HIS A 22 -5.54 -2.89 1.85
C HIS A 22 -6.23 -1.55 2.06
N MET A 23 -6.38 -0.80 1.01
CA MET A 23 -7.05 0.53 1.13
C MET A 23 -8.48 0.35 1.63
N ARG A 24 -9.09 -0.76 1.33
CA ARG A 24 -10.48 -1.00 1.80
C ARG A 24 -10.48 -1.23 3.31
N GLY A 25 -9.33 -1.51 3.87
CA GLY A 25 -9.26 -1.75 5.34
C GLY A 25 -8.34 -0.71 5.98
N HIS A 26 -7.80 0.18 5.19
CA HIS A 26 -6.89 1.22 5.76
C HIS A 26 -7.47 1.73 7.08
N SER A 27 -7.00 1.20 8.17
CA SER A 27 -7.52 1.66 9.50
C SER A 27 -9.04 1.50 9.54
ZN ZN B . -1.75 1.96 3.28
N ALA A 1 11.84 4.61 -3.13
CA ALA A 1 10.38 4.88 -3.28
C ALA A 1 9.72 3.73 -4.05
N ALA A 2 9.65 2.57 -3.44
CA ALA A 2 9.01 1.41 -4.12
C ALA A 2 7.76 1.88 -4.87
N PRO A 3 7.28 1.09 -5.79
CA PRO A 3 6.07 1.41 -6.59
C PRO A 3 4.95 2.00 -5.74
N TYR A 4 4.58 1.33 -4.68
CA TYR A 4 3.50 1.86 -3.80
C TYR A 4 3.99 1.94 -2.36
N ARG A 5 4.73 2.98 -2.04
CA ARG A 5 5.25 3.12 -0.64
C ARG A 5 4.23 3.87 0.21
N CYS A 6 3.36 3.15 0.88
CA CYS A 6 2.34 3.83 1.72
C CYS A 6 2.99 4.30 3.03
N PRO A 7 3.06 5.59 3.23
CA PRO A 7 3.66 6.18 4.46
C PRO A 7 2.69 6.18 5.65
N LEU A 8 1.43 6.33 5.38
CA LEU A 8 0.43 6.34 6.49
C LEU A 8 0.84 5.31 7.56
N CYS A 9 1.32 4.17 7.15
CA CYS A 9 1.73 3.14 8.14
C CYS A 9 3.16 2.68 7.84
N ARG A 10 3.69 3.04 6.70
CA ARG A 10 5.07 2.61 6.36
C ARG A 10 5.04 1.22 5.73
N ALA A 11 5.06 1.13 4.43
CA ALA A 11 5.04 -0.19 3.76
C ALA A 11 5.36 -0.03 2.27
N GLY A 12 5.84 -1.07 1.64
CA GLY A 12 6.18 -0.96 0.20
C GLY A 12 5.62 -2.18 -0.54
N CYS A 13 4.47 -2.03 -1.16
CA CYS A 13 3.88 -3.17 -1.91
C CYS A 13 4.09 -2.95 -3.41
N PRO A 14 4.78 -3.86 -4.06
CA PRO A 14 5.05 -3.76 -5.52
C PRO A 14 3.83 -4.12 -6.37
N SER A 15 2.86 -4.76 -5.78
CA SER A 15 1.64 -5.14 -6.56
C SER A 15 0.51 -4.16 -6.22
N LEU A 16 -0.22 -3.72 -7.22
CA LEU A 16 -1.34 -2.77 -6.96
C LEU A 16 -2.47 -3.51 -6.24
N ALA A 17 -2.76 -4.71 -6.66
CA ALA A 17 -3.86 -5.48 -6.01
C ALA A 17 -3.60 -5.54 -4.50
N SER A 18 -2.39 -5.82 -4.10
CA SER A 18 -2.08 -5.88 -2.65
C SER A 18 -2.16 -4.47 -2.06
N MET A 19 -1.78 -3.48 -2.82
CA MET A 19 -1.83 -2.09 -2.30
C MET A 19 -3.29 -1.69 -2.06
N GLN A 20 -4.14 -1.90 -3.02
CA GLN A 20 -5.58 -1.53 -2.85
C GLN A 20 -6.16 -2.35 -1.69
N ALA A 21 -5.89 -3.62 -1.65
CA ALA A 21 -6.43 -4.48 -0.55
C ALA A 21 -6.04 -3.86 0.79
N HIS A 22 -4.93 -3.18 0.84
CA HIS A 22 -4.49 -2.55 2.11
C HIS A 22 -5.28 -1.26 2.32
N MET A 23 -5.69 -0.64 1.25
CA MET A 23 -6.47 0.62 1.35
C MET A 23 -7.84 0.33 1.95
N ARG A 24 -8.34 -0.86 1.74
CA ARG A 24 -9.68 -1.22 2.30
C ARG A 24 -9.60 -1.18 3.83
N GLY A 25 -8.46 -1.47 4.37
CA GLY A 25 -8.30 -1.46 5.85
C GLY A 25 -8.19 -0.02 6.34
N HIS A 26 -7.87 0.89 5.45
CA HIS A 26 -7.74 2.31 5.85
C HIS A 26 -9.11 2.98 5.82
N SER A 27 -10.08 2.34 5.21
CA SER A 27 -11.44 2.93 5.14
C SER A 27 -12.49 1.85 5.40
ZN ZN B . -1.48 2.43 4.68
N ALA A 1 13.83 3.74 -4.02
CA ALA A 1 12.52 3.82 -3.33
C ALA A 1 11.67 2.60 -3.71
N ALA A 2 10.38 2.79 -3.87
CA ALA A 2 9.51 1.64 -4.24
C ALA A 2 8.28 2.17 -4.99
N PRO A 3 7.83 1.46 -5.99
CA PRO A 3 6.63 1.85 -6.78
C PRO A 3 5.49 2.39 -5.91
N TYR A 4 4.91 1.54 -5.10
CA TYR A 4 3.79 1.99 -4.23
C TYR A 4 4.28 2.11 -2.78
N ARG A 5 4.64 3.29 -2.36
CA ARG A 5 5.12 3.48 -0.96
C ARG A 5 4.01 4.13 -0.13
N CYS A 6 3.18 3.33 0.49
CA CYS A 6 2.08 3.90 1.32
C CYS A 6 2.61 4.27 2.71
N PRO A 7 2.63 5.54 3.03
CA PRO A 7 3.13 6.03 4.34
C PRO A 7 2.07 5.90 5.44
N LEU A 8 0.82 6.08 5.10
CA LEU A 8 -0.25 5.97 6.13
C LEU A 8 0.01 4.75 7.03
N CYS A 9 0.56 3.70 6.46
CA CYS A 9 0.82 2.49 7.28
C CYS A 9 2.33 2.22 7.31
N ARG A 10 3.04 2.68 6.31
CA ARG A 10 4.52 2.45 6.27
C ARG A 10 4.80 1.09 5.63
N ALA A 11 4.82 1.04 4.33
CA ALA A 11 5.09 -0.25 3.64
C ALA A 11 5.23 -0.01 2.13
N GLY A 12 6.03 -0.79 1.47
CA GLY A 12 6.20 -0.60 0.00
C GLY A 12 5.95 -1.93 -0.72
N CYS A 13 5.01 -1.96 -1.63
CA CYS A 13 4.72 -3.22 -2.36
C CYS A 13 4.58 -2.91 -3.85
N PRO A 14 5.27 -3.65 -4.68
CA PRO A 14 5.22 -3.46 -6.16
C PRO A 14 3.91 -3.96 -6.77
N SER A 15 3.04 -4.49 -5.96
CA SER A 15 1.74 -4.99 -6.51
C SER A 15 0.61 -4.05 -6.09
N LEU A 16 -0.28 -3.75 -6.98
CA LEU A 16 -1.40 -2.83 -6.62
C LEU A 16 -2.46 -3.59 -5.84
N ALA A 17 -2.61 -4.86 -6.10
CA ALA A 17 -3.63 -5.66 -5.36
C ALA A 17 -3.40 -5.51 -3.85
N SER A 18 -2.19 -5.75 -3.40
CA SER A 18 -1.90 -5.62 -1.95
C SER A 18 -2.15 -4.17 -1.51
N MET A 19 -1.73 -3.23 -2.31
CA MET A 19 -1.94 -1.79 -1.95
C MET A 19 -3.44 -1.50 -1.87
N GLN A 20 -4.19 -1.96 -2.84
CA GLN A 20 -5.66 -1.71 -2.82
C GLN A 20 -6.30 -2.51 -1.68
N ALA A 21 -5.88 -3.73 -1.49
CA ALA A 21 -6.46 -4.56 -0.39
C ALA A 21 -6.20 -3.88 0.95
N HIS A 22 -5.13 -3.14 1.06
CA HIS A 22 -4.82 -2.46 2.34
C HIS A 22 -5.69 -1.20 2.45
N MET A 23 -5.94 -0.57 1.33
CA MET A 23 -6.77 0.67 1.34
C MET A 23 -8.16 0.35 1.91
N ARG A 24 -8.61 -0.87 1.75
CA ARG A 24 -9.95 -1.25 2.27
C ARG A 24 -9.92 -1.20 3.80
N GLY A 25 -8.76 -1.33 4.38
CA GLY A 25 -8.66 -1.29 5.88
C GLY A 25 -8.47 0.15 6.34
N HIS A 26 -8.22 1.05 5.43
CA HIS A 26 -8.03 2.48 5.82
C HIS A 26 -9.39 3.11 6.12
N SER A 27 -10.29 2.37 6.71
CA SER A 27 -11.63 2.93 7.03
C SER A 27 -11.87 2.83 8.54
ZN ZN B . -1.83 2.65 4.15
#